data_7WB6
#
_entry.id   7WB6
#
_cell.length_a   54.570
_cell.length_b   58.280
_cell.length_c   67.350
_cell.angle_alpha   90.00
_cell.angle_beta   90.00
_cell.angle_gamma   90.00
#
_symmetry.space_group_name_H-M   'P 21 21 21'
#
loop_
_entity.id
_entity.type
_entity.pdbx_description
1 polymer 'Cationic trypsin'
2 non-polymer 4-bromanylbenzenecarboximidamide
3 non-polymer 'DIMETHYL SULFOXIDE'
4 non-polymer 'CALCIUM ION'
5 water water
#
_entity_poly.entity_id   1
_entity_poly.type   'polypeptide(L)'
_entity_poly.pdbx_seq_one_letter_code
;IVGGYTCGANTVPYQVSLNSGYHFCGGSLINSQWVVSAAHCYKSGIQVRLGEDNINVVEGNEQFISASKSIVHPSYNSNT
LNNDIMLIKLKSAASLNSRVASISLPTSCASAGTQCLISGWGNTKSSGTSYPDVLKCLKAPILSDSSCKSAYPGQITSNM
FCAGYLEGGKDSCQGDSGGPVVCSGKLQGIVSWGSGCAQKNKPGVYTKVCNYVSWIKQTIASN
;
_entity_poly.pdbx_strand_id   A
#
loop_
_chem_comp.id
_chem_comp.type
_chem_comp.name
_chem_comp.formula
CA non-polymer 'CALCIUM ION' 'Ca 2'
DMS non-polymer 'DIMETHYL SULFOXIDE' 'C2 H6 O S'
F5R non-polymer 4-bromanylbenzenecarboximidamide 'C7 H7 Br N2'
#
# COMPACT_ATOMS: atom_id res chain seq x y z
N ILE A 1 -0.36 -0.23 11.14
CA ILE A 1 -0.54 1.21 11.27
C ILE A 1 -0.44 1.48 12.77
N VAL A 2 0.48 2.36 13.11
CA VAL A 2 0.71 2.83 14.49
C VAL A 2 0.05 4.21 14.57
N GLY A 3 -0.75 4.38 15.59
CA GLY A 3 -1.32 5.68 15.95
C GLY A 3 -2.44 6.05 14.99
N GLY A 4 -3.04 5.05 14.37
CA GLY A 4 -4.16 5.30 13.48
C GLY A 4 -5.49 5.11 14.17
N TYR A 5 -6.50 4.89 13.35
CA TYR A 5 -7.88 4.73 13.80
C TYR A 5 -8.51 3.59 13.02
N THR A 6 -9.53 2.99 13.60
CA THR A 6 -10.27 1.93 12.92
C THR A 6 -11.02 2.57 11.75
N CYS A 7 -10.76 2.15 10.53
CA CYS A 7 -11.35 2.78 9.31
C CYS A 7 -12.86 2.69 9.36
N GLY A 8 -13.36 1.55 9.74
CA GLY A 8 -14.76 1.15 9.57
C GLY A 8 -14.89 0.19 8.42
N ALA A 9 -15.77 -0.78 8.58
CA ALA A 9 -15.94 -1.85 7.60
C ALA A 9 -16.22 -1.24 6.22
N ASN A 10 -15.36 -1.62 5.25
CA ASN A 10 -15.54 -1.38 3.80
C ASN A 10 -15.61 0.11 3.48
N THR A 11 -14.97 0.93 4.28
CA THR A 11 -14.82 2.36 3.99
C THR A 11 -13.62 2.66 3.08
N VAL A 12 -12.77 1.66 2.85
CA VAL A 12 -11.58 1.80 2.01
C VAL A 12 -11.75 0.67 1.02
N PRO A 13 -12.61 0.82 0.03
CA PRO A 13 -13.06 -0.32 -0.76
C PRO A 13 -12.07 -0.88 -1.77
N TYR A 14 -10.98 -0.14 -1.98
CA TYR A 14 -9.88 -0.55 -2.88
C TYR A 14 -8.80 -1.32 -2.12
N GLN A 15 -8.89 -1.42 -0.83
CA GLN A 15 -7.82 -2.10 -0.05
C GLN A 15 -7.96 -3.58 -0.31
N VAL A 16 -6.84 -4.25 -0.49
CA VAL A 16 -6.88 -5.72 -0.55
C VAL A 16 -5.90 -6.26 0.45
N SER A 17 -6.18 -7.49 0.79
CA SER A 17 -5.25 -8.29 1.61
C SER A 17 -4.70 -9.38 0.71
N LEU A 18 -3.38 -9.49 0.69
CA LEU A 18 -2.70 -10.61 -0.01
C LEU A 18 -2.54 -11.72 1.02
N ASN A 19 -2.98 -12.90 0.66
CA ASN A 19 -3.05 -14.04 1.58
C ASN A 19 -2.32 -15.24 0.95
N SER A 20 -1.39 -15.79 1.71
CA SER A 20 -0.69 -17.06 1.35
C SER A 20 -0.89 -18.05 2.49
N GLY A 21 -2.11 -18.17 3.00
CA GLY A 21 -2.46 -18.95 4.19
C GLY A 21 -2.54 -18.06 5.41
N TYR A 22 -2.26 -16.79 5.21
CA TYR A 22 -2.29 -15.74 6.25
C TYR A 22 -2.10 -14.42 5.49
N HIS A 23 -2.55 -13.33 6.11
CA HIS A 23 -2.32 -11.99 5.56
C HIS A 23 -0.83 -11.71 5.58
N PHE A 24 -0.26 -11.25 4.50
CA PHE A 24 1.14 -10.83 4.58
C PHE A 24 1.44 -9.48 3.95
N CYS A 25 0.53 -8.92 3.18
CA CYS A 25 0.76 -7.64 2.52
C CYS A 25 -0.58 -7.05 2.14
N GLY A 26 -0.56 -5.74 2.00
CA GLY A 26 -1.71 -5.04 1.41
C GLY A 26 -1.52 -4.88 -0.06
N GLY A 27 -2.53 -4.28 -0.68
CA GLY A 27 -2.51 -3.94 -2.09
C GLY A 27 -3.69 -3.04 -2.40
N SER A 28 -3.73 -2.60 -3.65
CA SER A 28 -4.83 -1.71 -4.10
C SER A 28 -5.41 -2.28 -5.36
N LEU A 29 -6.71 -2.29 -5.43
CA LEU A 29 -7.41 -2.75 -6.63
C LEU A 29 -7.49 -1.58 -7.64
N ILE A 30 -6.91 -1.71 -8.81
CA ILE A 30 -6.87 -0.57 -9.76
C ILE A 30 -7.79 -0.79 -10.94
N ASN A 31 -8.29 -1.99 -11.13
CA ASN A 31 -9.46 -2.21 -11.99
C ASN A 31 -10.00 -3.57 -11.60
N SER A 32 -10.96 -4.08 -12.33
CA SER A 32 -11.61 -5.33 -11.90
C SER A 32 -10.68 -6.54 -11.91
N GLN A 33 -9.52 -6.45 -12.53
CA GLN A 33 -8.68 -7.67 -12.70
C GLN A 33 -7.25 -7.46 -12.23
N TRP A 34 -6.90 -6.30 -11.72
CA TRP A 34 -5.48 -5.97 -11.40
C TRP A 34 -5.37 -5.30 -10.07
N VAL A 35 -4.36 -5.73 -9.35
CA VAL A 35 -3.93 -5.19 -8.06
C VAL A 35 -2.52 -4.67 -8.16
N VAL A 36 -2.27 -3.58 -7.51
CA VAL A 36 -0.88 -3.08 -7.37
C VAL A 36 -0.46 -3.27 -5.92
N SER A 37 0.79 -3.68 -5.73
CA SER A 37 1.33 -3.91 -4.38
C SER A 37 2.80 -3.53 -4.47
N ALA A 38 3.55 -3.84 -3.44
CA ALA A 38 5.00 -3.63 -3.39
C ALA A 38 5.68 -4.87 -3.97
N ALA A 39 6.74 -4.61 -4.68
CA ALA A 39 7.59 -5.74 -5.16
C ALA A 39 8.12 -6.56 -3.98
N HIS A 40 8.38 -5.95 -2.84
CA HIS A 40 8.91 -6.75 -1.72
C HIS A 40 7.83 -7.70 -1.21
N CYS A 41 6.59 -7.59 -1.64
CA CYS A 41 5.51 -8.51 -1.23
C CYS A 41 5.43 -9.68 -2.20
N TYR A 42 6.32 -9.80 -3.17
CA TYR A 42 6.25 -10.89 -4.16
C TYR A 42 6.40 -12.24 -3.47
N LYS A 43 5.52 -13.15 -3.85
CA LYS A 43 5.69 -14.59 -3.61
C LYS A 43 4.75 -15.33 -4.53
N SER A 44 4.92 -16.63 -4.70
CA SER A 44 3.97 -17.42 -5.53
C SER A 44 2.85 -17.87 -4.59
N GLY A 45 1.71 -18.22 -5.12
CA GLY A 45 0.59 -18.75 -4.34
C GLY A 45 -0.17 -17.65 -3.62
N ILE A 46 -0.38 -16.54 -4.28
CA ILE A 46 -1.13 -15.43 -3.65
C ILE A 46 -2.64 -15.63 -3.92
N GLN A 47 -3.43 -15.44 -2.90
CA GLN A 47 -4.86 -15.24 -3.00
C GLN A 47 -5.13 -13.79 -2.64
N VAL A 48 -5.85 -13.08 -3.48
CA VAL A 48 -6.22 -11.69 -3.19
C VAL A 48 -7.57 -11.73 -2.49
N ARG A 49 -7.67 -11.02 -1.40
CA ARG A 49 -8.92 -10.93 -0.60
C ARG A 49 -9.40 -9.49 -0.65
N LEU A 50 -10.53 -9.34 -1.30
CA LEU A 50 -11.16 -8.06 -1.48
C LEU A 50 -12.34 -8.00 -0.53
N GLY A 51 -12.77 -6.78 -0.23
CA GLY A 51 -13.96 -6.59 0.61
C GLY A 51 -13.76 -6.91 2.07
N GLU A 52 -12.51 -6.95 2.52
CA GLU A 52 -12.20 -7.35 3.88
C GLU A 52 -12.35 -6.21 4.87
N ASP A 53 -12.80 -6.53 6.06
CA ASP A 53 -12.57 -5.67 7.23
C ASP A 53 -11.84 -6.55 8.25
N ASN A 54 -12.52 -7.46 8.91
CA ASN A 54 -11.87 -8.40 9.84
C ASN A 54 -11.31 -9.51 8.96
N ILE A 55 -9.99 -9.66 8.94
CA ILE A 55 -9.32 -10.66 8.05
C ILE A 55 -9.38 -12.07 8.67
N ASN A 56 -9.89 -12.17 9.89
CA ASN A 56 -10.06 -13.45 10.52
C ASN A 56 -11.47 -13.98 10.56
N VAL A 57 -12.45 -13.20 10.11
CA VAL A 57 -13.87 -13.60 10.18
C VAL A 57 -14.43 -13.40 8.79
N VAL A 58 -15.24 -14.30 8.32
CA VAL A 58 -16.02 -14.07 7.09
C VAL A 58 -17.26 -13.24 7.48
N GLU A 59 -17.34 -12.02 6.95
CA GLU A 59 -18.38 -11.04 7.38
C GLU A 59 -19.41 -10.90 6.28
N GLY A 60 -19.08 -11.31 5.07
CA GLY A 60 -20.09 -11.40 4.01
C GLY A 60 -19.85 -10.50 2.83
N ASN A 61 -18.86 -9.62 2.85
CA ASN A 61 -18.63 -8.79 1.64
C ASN A 61 -17.37 -9.24 0.90
N GLU A 62 -16.77 -10.34 1.34
CA GLU A 62 -15.46 -10.71 0.78
C GLU A 62 -15.60 -11.29 -0.64
N GLN A 63 -14.54 -11.10 -1.42
CA GLN A 63 -14.26 -11.85 -2.66
C GLN A 63 -12.83 -12.36 -2.54
N PHE A 64 -12.68 -13.65 -2.71
CA PHE A 64 -11.36 -14.32 -2.67
C PHE A 64 -11.06 -14.82 -4.07
N ILE A 65 -10.01 -14.28 -4.66
CA ILE A 65 -9.65 -14.56 -6.05
C ILE A 65 -8.16 -14.83 -6.09
N SER A 66 -7.78 -15.97 -6.66
CA SER A 66 -6.38 -16.32 -6.88
C SER A 66 -5.73 -15.40 -7.90
N ALA A 67 -4.45 -15.17 -7.70
CA ALA A 67 -3.60 -14.47 -8.68
C ALA A 67 -3.32 -15.42 -9.84
N SER A 68 -3.37 -14.94 -11.08
CA SER A 68 -2.93 -15.73 -12.26
C SER A 68 -1.51 -15.38 -12.65
N LYS A 69 -1.08 -14.18 -12.38
CA LYS A 69 0.24 -13.70 -12.82
C LYS A 69 0.65 -12.57 -11.90
N SER A 70 1.92 -12.55 -11.56
CA SER A 70 2.54 -11.44 -10.81
C SER A 70 3.62 -10.86 -11.70
N ILE A 71 3.72 -9.57 -11.71
CA ILE A 71 4.79 -8.89 -12.50
C ILE A 71 5.47 -7.92 -11.58
N VAL A 72 6.68 -8.20 -11.23
CA VAL A 72 7.47 -7.26 -10.40
C VAL A 72 8.13 -6.29 -11.37
N HIS A 73 8.24 -5.04 -10.94
CA HIS A 73 8.87 -4.03 -11.83
C HIS A 73 10.19 -4.52 -12.37
N PRO A 74 10.47 -4.29 -13.64
CA PRO A 74 11.73 -4.82 -14.22
C PRO A 74 13.00 -4.31 -13.54
N SER A 75 12.92 -3.15 -12.91
CA SER A 75 14.10 -2.49 -12.32
C SER A 75 14.02 -2.51 -10.79
N TYR A 76 13.17 -3.32 -10.20
CA TYR A 76 13.13 -3.44 -8.73
C TYR A 76 14.50 -3.90 -8.21
N ASN A 77 14.97 -3.17 -7.23
CA ASN A 77 16.22 -3.55 -6.54
C ASN A 77 15.88 -3.84 -5.07
N SER A 78 16.04 -5.10 -4.66
CA SER A 78 15.62 -5.53 -3.33
C SER A 78 16.59 -4.98 -2.25
N ASN A 79 17.78 -4.53 -2.61
CA ASN A 79 18.68 -3.94 -1.61
C ASN A 79 18.30 -2.51 -1.27
N THR A 80 17.95 -1.71 -2.29
CA THR A 80 17.65 -0.28 -2.10
C THR A 80 16.15 -0.01 -2.00
N LEU A 81 15.35 -1.00 -2.40
CA LEU A 81 13.88 -0.91 -2.54
C LEU A 81 13.52 0.16 -3.57
N ASN A 82 14.43 0.51 -4.46
CA ASN A 82 14.02 1.36 -5.61
C ASN A 82 13.09 0.54 -6.51
N ASN A 83 12.06 1.21 -7.05
CA ASN A 83 11.04 0.60 -7.91
C ASN A 83 10.29 -0.53 -7.20
N ASP A 84 9.91 -0.28 -5.95
CA ASP A 84 9.17 -1.23 -5.10
C ASP A 84 7.69 -1.23 -5.51
N ILE A 85 7.43 -1.87 -6.65
CA ILE A 85 6.05 -1.96 -7.16
C ILE A 85 5.91 -3.26 -7.93
N MET A 86 4.73 -3.83 -7.86
CA MET A 86 4.38 -5.06 -8.54
C MET A 86 2.91 -5.02 -8.91
N LEU A 87 2.61 -5.68 -9.98
CA LEU A 87 1.23 -5.88 -10.46
C LEU A 87 0.83 -7.33 -10.32
N ILE A 88 -0.37 -7.56 -9.87
CA ILE A 88 -0.96 -8.88 -9.76
C ILE A 88 -2.22 -8.91 -10.59
N LYS A 89 -2.31 -9.87 -11.48
CA LYS A 89 -3.54 -10.13 -12.23
C LYS A 89 -4.36 -11.18 -11.50
N LEU A 90 -5.65 -10.93 -11.38
CA LEU A 90 -6.63 -11.86 -10.77
C LEU A 90 -7.06 -12.90 -11.82
N LYS A 91 -7.31 -14.13 -11.39
CA LYS A 91 -7.75 -15.22 -12.32
C LYS A 91 -9.09 -14.85 -12.95
N SER A 92 -9.92 -14.17 -12.20
CA SER A 92 -11.21 -13.70 -12.72
C SER A 92 -11.44 -12.30 -12.18
N ALA A 93 -12.25 -11.55 -12.86
CA ALA A 93 -12.58 -10.17 -12.49
C ALA A 93 -13.37 -10.17 -11.18
N ALA A 94 -13.07 -9.20 -10.35
CA ALA A 94 -13.83 -8.89 -9.14
C ALA A 94 -15.18 -8.28 -9.53
N SER A 95 -16.18 -8.53 -8.73
CA SER A 95 -17.49 -7.84 -8.85
C SER A 95 -17.39 -6.51 -8.13
N LEU A 96 -17.50 -5.41 -8.84
CA LEU A 96 -17.32 -4.08 -8.20
C LEU A 96 -18.66 -3.57 -7.69
N ASN A 97 -18.64 -2.94 -6.53
CA ASN A 97 -19.84 -2.47 -5.80
C ASN A 97 -19.34 -1.35 -4.89
N SER A 98 -20.15 -0.85 -3.97
CA SER A 98 -19.76 0.30 -3.13
C SER A 98 -18.70 -0.13 -2.09
N ARG A 99 -18.57 -1.44 -1.84
CA ARG A 99 -17.65 -2.00 -0.82
C ARG A 99 -16.39 -2.60 -1.44
N VAL A 100 -16.39 -2.83 -2.77
CA VAL A 100 -15.23 -3.36 -3.52
C VAL A 100 -15.19 -2.50 -4.76
N ALA A 101 -14.16 -1.67 -4.80
CA ALA A 101 -14.06 -0.61 -5.81
C ALA A 101 -12.61 -0.34 -6.13
N SER A 102 -12.38 -0.02 -7.39
CA SER A 102 -11.04 0.33 -7.84
C SER A 102 -10.71 1.77 -7.40
N ILE A 103 -9.43 2.03 -7.29
CA ILE A 103 -8.87 3.37 -6.98
C ILE A 103 -8.20 3.82 -8.30
N SER A 104 -8.39 5.08 -8.63
CA SER A 104 -7.82 5.73 -9.82
C SER A 104 -6.30 5.89 -9.69
N LEU A 105 -5.61 5.72 -10.80
CA LEU A 105 -4.21 6.09 -10.89
C LEU A 105 -4.15 7.61 -11.03
N PRO A 106 -3.04 8.20 -10.58
CA PRO A 106 -2.84 9.63 -10.64
C PRO A 106 -2.52 10.12 -12.05
N THR A 107 -2.96 11.32 -12.39
CA THR A 107 -2.51 12.01 -13.62
C THR A 107 -1.33 12.92 -13.28
N SER A 108 -1.17 13.29 -12.03
CA SER A 108 -0.18 14.26 -11.51
C SER A 108 0.42 13.64 -10.27
N CYS A 109 1.65 14.01 -9.99
CA CYS A 109 2.31 13.67 -8.72
C CYS A 109 1.81 14.63 -7.65
N ALA A 110 1.54 14.10 -6.47
CA ALA A 110 1.08 14.92 -5.34
C ALA A 110 2.24 15.72 -4.76
N SER A 111 1.97 16.95 -4.35
CA SER A 111 2.94 17.85 -3.71
C SER A 111 3.06 17.55 -2.23
N ALA A 112 4.24 17.86 -1.71
CA ALA A 112 4.44 17.97 -0.26
C ALA A 112 3.32 18.82 0.36
N GLY A 113 2.82 18.37 1.51
CA GLY A 113 1.80 19.04 2.30
C GLY A 113 0.41 18.51 1.97
N THR A 114 0.27 17.72 0.91
CA THR A 114 -0.99 17.02 0.56
C THR A 114 -1.27 16.02 1.69
N GLN A 115 -2.51 15.92 2.13
CA GLN A 115 -2.98 14.94 3.14
C GLN A 115 -3.47 13.70 2.42
N CYS A 116 -3.02 12.56 2.92
CA CYS A 116 -3.27 11.26 2.32
C CYS A 116 -3.83 10.32 3.39
N LEU A 117 -4.44 9.26 2.91
CA LEU A 117 -4.97 8.18 3.73
C LEU A 117 -4.13 6.93 3.45
N ILE A 118 -3.57 6.41 4.53
CA ILE A 118 -2.81 5.16 4.47
C ILE A 118 -3.58 4.11 5.26
N SER A 119 -3.62 2.90 4.79
CA SER A 119 -4.46 1.88 5.47
C SER A 119 -3.75 0.54 5.44
N GLY A 120 -4.12 -0.26 6.40
CA GLY A 120 -3.59 -1.64 6.39
C GLY A 120 -3.85 -2.33 7.69
N TRP A 121 -3.45 -3.59 7.71
CA TRP A 121 -3.64 -4.52 8.85
C TRP A 121 -2.29 -4.81 9.53
N GLY A 122 -1.34 -3.93 9.41
CA GLY A 122 0.00 -4.15 9.98
C GLY A 122 0.03 -3.90 11.46
N ASN A 123 1.21 -4.07 11.99
CA ASN A 123 1.47 -3.86 13.43
C ASN A 123 1.04 -2.47 13.87
N THR A 124 0.44 -2.41 15.04
CA THR A 124 -0.04 -1.15 15.66
C THR A 124 0.91 -0.66 16.75
N LYS A 125 2.06 -1.31 16.99
CA LYS A 125 3.01 -0.88 18.05
C LYS A 125 4.36 -0.44 17.45
N SER A 126 5.03 0.57 18.02
CA SER A 126 6.42 1.01 17.66
C SER A 126 7.43 0.10 18.37
N SER A 127 7.00 -0.48 19.49
CA SER A 127 7.79 -1.44 20.29
C SER A 127 6.89 -2.64 20.53
N GLY A 128 7.40 -3.84 20.29
CA GLY A 128 6.56 -5.04 20.39
C GLY A 128 5.61 -5.15 19.21
N THR A 129 4.62 -6.00 19.36
CA THR A 129 3.86 -6.60 18.26
C THR A 129 2.42 -6.71 18.73
N SER A 130 1.53 -6.09 17.99
CA SER A 130 0.08 -6.32 18.09
C SER A 130 -0.54 -6.08 16.73
N TYR A 131 -1.07 -7.17 16.19
CA TYR A 131 -1.67 -7.19 14.84
C TYR A 131 -3.17 -7.14 15.00
N PRO A 132 -3.78 -6.11 14.38
CA PRO A 132 -5.22 -5.94 14.46
C PRO A 132 -5.86 -6.86 13.43
N ASP A 133 -7.09 -7.17 13.69
CA ASP A 133 -7.86 -8.04 12.79
C ASP A 133 -8.65 -7.15 11.82
N VAL A 134 -8.88 -5.89 12.20
CA VAL A 134 -9.71 -4.96 11.39
C VAL A 134 -8.84 -3.87 10.78
N LEU A 135 -9.30 -3.32 9.66
CA LEU A 135 -8.48 -2.40 8.90
C LEU A 135 -8.24 -1.12 9.67
N LYS A 136 -7.01 -0.67 9.69
CA LYS A 136 -6.61 0.59 10.36
C LYS A 136 -6.25 1.63 9.32
N CYS A 137 -6.53 2.88 9.66
CA CYS A 137 -6.34 4.03 8.79
C CYS A 137 -5.47 5.06 9.47
N LEU A 138 -4.79 5.86 8.66
CA LEU A 138 -3.99 6.98 9.16
C LEU A 138 -4.01 8.07 8.12
N LYS A 139 -4.33 9.27 8.58
CA LYS A 139 -4.18 10.47 7.77
C LYS A 139 -2.81 11.05 7.99
N ALA A 140 -2.08 11.28 6.93
CA ALA A 140 -0.72 11.81 7.03
C ALA A 140 -0.43 12.66 5.83
N PRO A 141 0.42 13.67 6.02
CA PRO A 141 0.83 14.50 4.90
C PRO A 141 2.07 13.94 4.22
N ILE A 142 2.19 14.24 2.96
CA ILE A 142 3.42 14.00 2.19
C ILE A 142 4.44 15.04 2.70
N LEU A 143 5.67 14.61 2.97
CA LEU A 143 6.74 15.48 3.43
C LEU A 143 7.52 15.99 2.23
N SER A 144 8.17 17.13 2.41
CA SER A 144 9.06 17.72 1.40
C SER A 144 10.18 16.71 1.10
N ASP A 145 10.66 16.71 -0.14
CA ASP A 145 11.78 15.84 -0.58
C ASP A 145 13.00 16.16 0.31
N SER A 146 13.26 17.43 0.62
CA SER A 146 14.44 17.78 1.45
C SER A 146 14.30 17.21 2.88
N SER A 147 13.10 17.19 3.49
CA SER A 147 12.95 16.64 4.86
C SER A 147 13.07 15.12 4.78
N CYS A 148 12.62 14.52 3.70
CA CYS A 148 12.70 13.06 3.47
C CYS A 148 14.18 12.68 3.33
N LYS A 149 14.94 13.42 2.51
CA LYS A 149 16.39 13.14 2.27
C LYS A 149 17.16 13.39 3.56
N SER A 150 16.76 14.32 4.37
CA SER A 150 17.49 14.61 5.64
C SER A 150 17.25 13.49 6.65
N ALA A 151 16.07 12.86 6.61
CA ALA A 151 15.72 11.75 7.51
C ALA A 151 16.47 10.50 7.09
N TYR A 152 16.68 10.27 5.80
CA TYR A 152 17.29 9.03 5.28
C TYR A 152 18.36 9.42 4.30
N PRO A 153 19.50 9.98 4.77
CA PRO A 153 20.56 10.36 3.88
C PRO A 153 21.01 9.21 2.99
N GLY A 154 21.17 9.50 1.70
CA GLY A 154 21.71 8.55 0.73
C GLY A 154 20.74 7.43 0.39
N GLN A 155 19.46 7.50 0.82
CA GLN A 155 18.58 6.33 0.58
C GLN A 155 17.35 6.64 -0.24
N ILE A 156 17.05 7.91 -0.46
CA ILE A 156 15.78 8.31 -1.10
C ILE A 156 16.09 8.52 -2.57
N THR A 157 15.39 7.79 -3.40
CA THR A 157 15.47 7.97 -4.85
C THR A 157 14.32 8.86 -5.32
N SER A 158 14.33 9.21 -6.58
CA SER A 158 13.24 10.00 -7.16
C SER A 158 11.95 9.17 -7.25
N ASN A 159 11.99 7.87 -6.95
CA ASN A 159 10.83 6.98 -7.00
C ASN A 159 10.23 6.73 -5.63
N MET A 160 10.58 7.57 -4.67
CA MET A 160 10.16 7.42 -3.29
C MET A 160 9.71 8.79 -2.77
N PHE A 161 8.77 8.79 -1.85
CA PHE A 161 8.49 9.96 -1.03
C PHE A 161 8.26 9.52 0.40
N CYS A 162 8.40 10.48 1.28
CA CYS A 162 8.10 10.34 2.69
C CYS A 162 6.71 10.86 2.98
N ALA A 163 6.04 10.23 3.91
CA ALA A 163 4.78 10.77 4.44
C ALA A 163 4.72 10.38 5.89
N GLY A 164 4.14 11.23 6.68
CA GLY A 164 3.96 10.96 8.09
C GLY A 164 4.37 12.16 8.88
N TYR A 165 4.99 11.89 10.02
CA TYR A 165 5.18 12.85 11.12
C TYR A 165 6.59 12.71 11.61
N LEU A 166 7.36 13.78 11.52
CA LEU A 166 8.76 13.74 11.99
C LEU A 166 8.80 13.54 13.52
N GLU A 167 7.75 13.91 14.26
CA GLU A 167 7.68 13.78 15.74
C GLU A 167 7.52 12.29 16.11
N GLY A 168 7.17 11.40 15.17
CA GLY A 168 6.95 9.99 15.49
C GLY A 168 5.50 9.75 15.88
N GLY A 169 5.21 8.53 16.29
CA GLY A 169 3.96 8.14 16.94
C GLY A 169 2.94 7.67 15.95
N LYS A 170 3.06 8.07 14.68
CA LYS A 170 1.99 7.77 13.70
C LYS A 170 2.67 7.37 12.39
N ASP A 171 2.45 6.13 11.95
CA ASP A 171 3.17 5.64 10.75
C ASP A 171 2.52 4.34 10.28
N SER A 172 2.87 3.91 9.09
CA SER A 172 2.68 2.51 8.69
C SER A 172 3.79 1.61 9.29
N CYS A 173 3.61 0.31 9.13
CA CYS A 173 4.51 -0.63 9.80
C CYS A 173 4.45 -1.99 9.09
N GLN A 174 5.21 -2.95 9.61
CA GLN A 174 5.28 -4.31 9.08
C GLN A 174 3.82 -4.79 8.91
N GLY A 175 3.51 -5.40 7.79
CA GLY A 175 2.16 -5.92 7.55
C GLY A 175 1.33 -4.94 6.76
N ASP A 176 1.74 -3.68 6.69
CA ASP A 176 1.03 -2.64 5.89
C ASP A 176 1.65 -2.60 4.52
N SER A 177 2.84 -3.21 4.39
CA SER A 177 3.58 -3.32 3.12
C SER A 177 2.65 -3.54 1.93
N GLY A 178 2.84 -2.77 0.87
CA GLY A 178 2.11 -2.96 -0.37
C GLY A 178 0.81 -2.19 -0.42
N GLY A 179 0.38 -1.65 0.71
CA GLY A 179 -0.95 -0.98 0.82
C GLY A 179 -0.87 0.40 0.25
N PRO A 180 -2.09 0.97 0.18
CA PRO A 180 -2.26 2.26 -0.48
C PRO A 180 -1.95 3.48 0.36
N VAL A 181 -1.50 4.47 -0.34
CA VAL A 181 -1.47 5.88 0.10
C VAL A 181 -2.34 6.64 -0.88
N VAL A 182 -3.51 7.10 -0.44
CA VAL A 182 -4.49 7.72 -1.36
C VAL A 182 -4.61 9.19 -1.01
N CYS A 183 -4.45 10.02 -1.99
CA CYS A 183 -4.53 11.49 -1.82
C CYS A 183 -5.52 12.03 -2.83
N SER A 184 -6.53 12.73 -2.36
CA SER A 184 -7.50 13.37 -3.29
C SER A 184 -8.10 12.34 -4.24
N GLY A 185 -8.33 11.13 -3.74
CA GLY A 185 -9.07 10.07 -4.44
C GLY A 185 -8.20 9.39 -5.46
N LYS A 186 -6.86 9.57 -5.40
CA LYS A 186 -5.96 8.90 -6.36
C LYS A 186 -4.89 8.13 -5.59
N LEU A 187 -4.44 7.02 -6.16
CA LEU A 187 -3.37 6.24 -5.52
C LEU A 187 -2.04 6.94 -5.79
N GLN A 188 -1.41 7.50 -4.76
CA GLN A 188 -0.12 8.19 -4.91
C GLN A 188 1.04 7.33 -4.43
N GLY A 189 0.76 6.46 -3.47
CA GLY A 189 1.90 5.72 -2.95
C GLY A 189 1.53 4.32 -2.58
N ILE A 190 2.62 3.59 -2.37
CA ILE A 190 2.61 2.18 -1.91
C ILE A 190 3.48 2.10 -0.67
N VAL A 191 2.96 1.47 0.38
CA VAL A 191 3.75 1.29 1.64
C VAL A 191 5.00 0.48 1.29
N SER A 192 6.15 1.09 1.49
CA SER A 192 7.41 0.41 1.02
C SER A 192 8.36 0.10 2.19
N TRP A 193 8.85 1.08 2.88
CA TRP A 193 9.82 0.87 3.96
C TRP A 193 9.89 2.00 4.94
N GLY A 194 10.70 1.80 5.95
CA GLY A 194 11.04 2.82 6.95
C GLY A 194 11.97 2.20 7.96
N SER A 195 12.55 3.00 8.82
CA SER A 195 13.43 2.53 9.90
C SER A 195 12.54 2.32 11.12
N GLY A 196 12.29 1.09 11.48
CA GLY A 196 11.32 0.83 12.55
C GLY A 196 9.95 1.32 12.13
N CYS A 197 9.14 1.66 13.12
CA CYS A 197 7.82 2.24 12.86
C CYS A 197 7.57 3.36 13.85
N ALA A 198 7.10 4.48 13.33
CA ALA A 198 6.63 5.60 14.18
C ALA A 198 7.77 6.16 15.00
N GLN A 199 9.01 5.97 14.57
CA GLN A 199 10.16 6.57 15.25
C GLN A 199 10.29 8.06 14.87
N LYS A 200 10.82 8.81 15.83
CA LYS A 200 11.15 10.26 15.68
C LYS A 200 12.11 10.37 14.48
N ASN A 201 11.86 11.33 13.59
CA ASN A 201 12.73 11.69 12.43
C ASN A 201 12.87 10.51 11.47
N LYS A 202 11.98 9.52 11.50
CA LYS A 202 12.06 8.35 10.58
C LYS A 202 10.68 8.09 10.03
N PRO A 203 10.19 8.98 9.12
CA PRO A 203 8.87 8.77 8.58
C PRO A 203 8.84 7.56 7.64
N GLY A 204 7.64 7.20 7.24
CA GLY A 204 7.44 6.18 6.24
C GLY A 204 7.95 6.63 4.90
N VAL A 205 8.40 5.67 4.10
CA VAL A 205 8.84 5.85 2.72
C VAL A 205 7.93 5.01 1.85
N TYR A 206 7.50 5.64 0.77
CA TYR A 206 6.44 5.09 -0.10
C TYR A 206 6.88 5.17 -1.53
N THR A 207 6.52 4.17 -2.30
CA THR A 207 6.81 4.16 -3.73
C THR A 207 5.98 5.25 -4.38
N LYS A 208 6.58 6.01 -5.27
CA LYS A 208 5.92 7.17 -5.90
C LYS A 208 5.19 6.69 -7.15
N VAL A 209 3.93 6.36 -7.00
CA VAL A 209 3.13 5.69 -8.05
C VAL A 209 3.06 6.57 -9.31
N CYS A 210 3.04 7.91 -9.20
CA CYS A 210 2.89 8.74 -10.40
C CYS A 210 4.02 8.49 -11.40
N ASN A 211 5.19 7.98 -10.98
CA ASN A 211 6.30 7.71 -11.90
C ASN A 211 6.06 6.43 -12.69
N TYR A 212 5.05 5.62 -12.30
CA TYR A 212 4.89 4.27 -12.85
C TYR A 212 3.65 4.16 -13.71
N VAL A 213 2.86 5.21 -13.85
CA VAL A 213 1.55 5.11 -14.53
C VAL A 213 1.70 4.54 -15.95
N SER A 214 2.69 4.98 -16.71
CA SER A 214 2.80 4.48 -18.10
C SER A 214 3.18 2.99 -18.05
N TRP A 215 4.06 2.57 -17.13
CA TRP A 215 4.39 1.14 -17.05
C TRP A 215 3.13 0.35 -16.68
N ILE A 216 2.39 0.82 -15.70
CA ILE A 216 1.17 0.10 -15.27
C ILE A 216 0.24 -0.04 -16.47
N LYS A 217 -0.05 1.06 -17.13
CA LYS A 217 -1.06 1.01 -18.19
C LYS A 217 -0.58 0.14 -19.33
N GLN A 218 0.72 0.19 -19.71
CA GLN A 218 1.16 -0.62 -20.84
C GLN A 218 1.16 -2.10 -20.42
N THR A 219 1.48 -2.38 -19.15
CA THR A 219 1.54 -3.76 -18.68
C THR A 219 0.13 -4.33 -18.69
N ILE A 220 -0.83 -3.61 -18.14
CA ILE A 220 -2.22 -4.09 -18.10
C ILE A 220 -2.73 -4.30 -19.49
N ALA A 221 -2.39 -3.44 -20.42
CA ALA A 221 -2.92 -3.54 -21.80
C ALA A 221 -2.45 -4.80 -22.52
N SER A 222 -1.35 -5.41 -22.11
CA SER A 222 -0.70 -6.52 -22.87
C SER A 222 -0.68 -7.82 -22.10
N ASN A 223 -1.29 -7.87 -20.94
CA ASN A 223 -1.23 -9.05 -20.05
C ASN A 223 -2.62 -9.41 -19.56
N1 F5R B . 7.98 2.79 9.14
C4 F5R B . 8.47 -1.17 7.76
C5 F5R B . 8.37 0.12 8.21
C6 F5R B . 7.44 0.97 7.67
C7 F5R B . 7.31 2.36 8.12
C1 F5R B . 6.74 0.57 6.55
C2 F5R B . 6.82 -0.71 6.09
C3 F5R B . 7.69 -1.55 6.72
N2 F5R B . 6.45 3.17 7.51
BR1 F5R B . 7.89 -3.34 6.14
S DMS C . -11.35 -15.89 7.40
O DMS C . -11.49 -15.50 5.98
C1 DMS C . -9.60 -16.25 7.65
C2 DMS C . -11.90 -17.59 7.48
CA CA D . -13.33 -11.03 6.57
#